data_8ELC
#
_entry.id   8ELC
#
_cell.length_a   63.235
_cell.length_b   65.761
_cell.length_c   94.117
_cell.angle_alpha   90.000
_cell.angle_beta   90.000
_cell.angle_gamma   90.000
#
_symmetry.space_group_name_H-M   'P 21 21 21'
#
loop_
_entity.id
_entity.type
_entity.pdbx_description
1 polymer 'Mitogen-activated protein kinase 9'
2 non-polymer 4-(dimethylamino)-N-{4-[(3S)-3-({4-[(8R)-2-phenylpyrazolo[1,5-a]pyridin-3-yl]pyrimidin-2-yl}amino)pyrrolidine-1-carbonyl]phenyl}butanamide
3 water water
#
_entity_poly.entity_id   1
_entity_poly.type   'polypeptide(L)'
_entity_poly.pdbx_seq_one_letter_code
;MSDSKCDSQFYSVQVADSTFTVLKRYQQLKPIGSGAQGIVCAAFDTVLGINVAVKKLSRPFQNQTHAKRAYRELVLLKCV
NHKNIISLLNVFTPQKTLEEFQDVYLVMELMDANLCQVIHMELDHERMSYLLYQMLCGIKHLHSAGIIHRDLKPSNIVVK
SDCTLKILDFGLARTACTNFMMTPYVVTRYYRAPEVILGMGYKENVDIWSVGCIMGELVKGCVIFQGTDHIDQWNKVIEQ
LGTPSAEFMKKLQPTVRNYVENRPKYPGIKFEELFPDWIFPSESERDKIKTSQARDLLSKMLVIDPDKRISVDEALRHPY
ITVWYDPAEAEAPPPQIYDAQLEEREHAIEEWKELIYKEVMDWEERSKNGVVKDQPSDAAVSSNATPSQSSSINDISSMS
TEQTLASDTDSSLDASTGPLEGCR
;
_entity_poly.pdbx_strand_id   A
#
# COMPACT_ATOMS: atom_id res chain seq x y z
N GLN A 9 -10.98 29.55 -15.61
CA GLN A 9 -10.67 28.71 -14.46
C GLN A 9 -10.46 29.55 -13.21
N PHE A 10 -11.55 30.08 -12.65
CA PHE A 10 -11.47 30.92 -11.47
C PHE A 10 -11.56 30.06 -10.21
N TYR A 11 -11.00 30.58 -9.14
CA TYR A 11 -10.79 29.81 -7.93
C TYR A 11 -11.64 30.35 -6.80
N SER A 12 -11.84 29.50 -5.82
CA SER A 12 -12.57 29.80 -4.60
C SER A 12 -11.67 29.41 -3.45
N VAL A 13 -11.66 30.23 -2.40
CA VAL A 13 -10.85 29.97 -1.22
C VAL A 13 -11.79 29.61 -0.08
N GLN A 14 -11.45 28.55 0.65
CA GLN A 14 -12.23 28.11 1.79
C GLN A 14 -11.29 27.64 2.88
N VAL A 15 -11.45 28.18 4.08
CA VAL A 15 -10.61 27.80 5.21
C VAL A 15 -11.13 26.48 5.76
N ALA A 16 -10.28 25.45 5.77
CA ALA A 16 -10.59 24.16 6.38
C ALA A 16 -9.34 23.78 7.17
N ASP A 17 -9.31 24.17 8.45
CA ASP A 17 -8.13 24.10 9.30
C ASP A 17 -7.04 25.04 8.78
N SER A 18 -6.37 24.66 7.68
CA SER A 18 -5.59 25.64 6.91
C SER A 18 -6.50 26.26 5.86
N THR A 19 -6.00 26.55 4.66
CA THR A 19 -6.80 27.26 3.68
C THR A 19 -6.65 26.61 2.31
N PHE A 20 -7.80 26.35 1.66
CA PHE A 20 -7.92 25.56 0.43
C PHE A 20 -8.36 26.46 -0.72
N THR A 21 -7.49 26.72 -1.67
CA THR A 21 -7.84 27.44 -2.90
C THR A 21 -8.04 26.39 -4.00
N VAL A 22 -9.29 26.24 -4.45
CA VAL A 22 -9.69 25.20 -5.38
C VAL A 22 -10.55 25.80 -6.50
N LEU A 23 -10.51 25.15 -7.66
CA LEU A 23 -11.42 25.48 -8.74
C LEU A 23 -12.86 25.43 -8.25
N LYS A 24 -13.71 26.30 -8.81
CA LYS A 24 -15.07 26.46 -8.30
C LYS A 24 -15.95 25.24 -8.56
N ARG A 25 -15.57 24.37 -9.50
CA ARG A 25 -16.31 23.13 -9.72
C ARG A 25 -16.40 22.29 -8.46
N TYR A 26 -15.47 22.43 -7.52
CA TYR A 26 -15.44 21.59 -6.33
C TYR A 26 -16.15 22.33 -5.20
N GLN A 27 -17.30 21.79 -4.79
CA GLN A 27 -18.19 22.38 -3.81
C GLN A 27 -18.25 21.51 -2.56
N GLN A 28 -18.69 22.15 -1.48
CA GLN A 28 -18.97 21.47 -0.21
C GLN A 28 -17.73 20.76 0.34
N LEU A 29 -16.60 21.48 0.39
CA LEU A 29 -15.38 20.89 0.92
C LEU A 29 -15.54 20.57 2.41
N LYS A 30 -15.24 19.33 2.78
CA LYS A 30 -15.38 18.83 4.15
C LYS A 30 -14.13 18.04 4.52
N PRO A 31 -13.45 18.38 5.61
CA PRO A 31 -12.28 17.59 6.02
C PRO A 31 -12.68 16.16 6.33
N ILE A 32 -11.86 15.21 5.86
CA ILE A 32 -12.11 13.80 6.12
C ILE A 32 -10.87 13.07 6.60
N GLY A 33 -9.73 13.74 6.68
CA GLY A 33 -8.54 13.10 7.18
C GLY A 33 -7.33 13.96 6.93
N SER A 34 -6.19 13.45 7.37
CA SER A 34 -4.91 14.13 7.20
C SER A 34 -3.91 13.11 6.68
N GLY A 35 -3.42 13.33 5.46
CA GLY A 35 -2.39 12.47 4.90
C GLY A 35 -0.98 12.92 5.29
N ALA A 36 -0.03 12.00 5.08
CA ALA A 36 1.38 12.36 5.23
C ALA A 36 1.73 13.55 4.35
N GLN A 37 1.11 13.63 3.17
CA GLN A 37 1.31 14.70 2.21
C GLN A 37 0.42 15.92 2.43
N GLY A 38 -0.62 15.85 3.26
CA GLY A 38 -1.37 17.04 3.58
C GLY A 38 -2.82 16.72 3.93
N ILE A 39 -3.63 17.77 3.90
CA ILE A 39 -5.03 17.69 4.32
C ILE A 39 -5.87 17.14 3.17
N VAL A 40 -6.76 16.21 3.48
CA VAL A 40 -7.73 15.68 2.53
C VAL A 40 -9.10 16.21 2.87
N CYS A 41 -9.79 16.72 1.84
CA CYS A 41 -11.17 17.15 1.91
C CYS A 41 -12.02 16.30 0.98
N ALA A 42 -13.23 15.98 1.43
CA ALA A 42 -14.26 15.52 0.53
C ALA A 42 -14.89 16.74 -0.14
N ALA A 43 -15.44 16.53 -1.33
CA ALA A 43 -16.03 17.61 -2.09
C ALA A 43 -16.91 17.00 -3.16
N PHE A 44 -17.81 17.80 -3.70
CA PHE A 44 -18.65 17.35 -4.81
C PHE A 44 -18.20 18.10 -6.05
N ASP A 45 -17.98 17.36 -7.14
CA ASP A 45 -17.55 17.93 -8.41
C ASP A 45 -18.78 18.16 -9.25
N THR A 46 -19.20 19.42 -9.38
CA THR A 46 -20.45 19.68 -10.08
C THR A 46 -20.30 19.49 -11.58
N VAL A 47 -19.08 19.57 -12.12
CA VAL A 47 -18.88 19.30 -13.54
C VAL A 47 -19.06 17.80 -13.83
N LEU A 48 -18.43 16.94 -13.01
CA LEU A 48 -18.59 15.49 -13.19
C LEU A 48 -19.85 14.94 -12.54
N GLY A 49 -20.41 15.64 -11.55
CA GLY A 49 -21.56 15.15 -10.83
C GLY A 49 -21.24 14.01 -9.88
N ILE A 50 -20.06 14.02 -9.26
CA ILE A 50 -19.65 12.94 -8.37
C ILE A 50 -18.94 13.52 -7.15
N ASN A 51 -18.90 12.72 -6.09
CA ASN A 51 -18.09 13.03 -4.92
C ASN A 51 -16.62 12.74 -5.22
N VAL A 52 -15.75 13.66 -4.80
CA VAL A 52 -14.32 13.52 -4.98
C VAL A 52 -13.63 13.80 -3.65
N ALA A 53 -12.38 13.35 -3.55
CA ALA A 53 -11.49 13.75 -2.48
C ALA A 53 -10.44 14.70 -3.05
N VAL A 54 -10.11 15.74 -2.29
CA VAL A 54 -9.18 16.79 -2.71
C VAL A 54 -8.07 16.88 -1.68
N LYS A 55 -6.83 16.73 -2.12
CA LYS A 55 -5.69 16.74 -1.23
C LYS A 55 -4.77 17.90 -1.60
N LYS A 56 -4.38 18.70 -0.60
CA LYS A 56 -3.51 19.85 -0.79
C LYS A 56 -2.12 19.53 -0.26
N LEU A 57 -1.10 19.58 -1.13
CA LEU A 57 0.30 19.53 -0.72
C LEU A 57 0.82 20.96 -0.68
N SER A 58 1.19 21.42 0.51
CA SER A 58 1.79 22.74 0.67
C SER A 58 3.30 22.61 0.51
N ARG A 59 3.86 23.42 -0.38
CA ARG A 59 5.30 23.46 -0.68
C ARG A 59 5.93 22.05 -0.63
N PRO A 60 5.43 21.12 -1.44
CA PRO A 60 6.08 19.79 -1.45
C PRO A 60 7.57 19.85 -1.76
N PHE A 61 8.02 20.88 -2.48
CA PHE A 61 9.42 21.05 -2.84
C PHE A 61 10.29 21.57 -1.70
N GLN A 62 9.69 22.05 -0.59
CA GLN A 62 10.49 22.58 0.51
C GLN A 62 11.32 21.49 1.18
N ASN A 63 10.72 20.34 1.43
CA ASN A 63 11.39 19.23 2.09
C ASN A 63 11.78 18.20 1.02
N GLN A 64 12.99 17.64 1.17
CA GLN A 64 13.51 16.72 0.16
C GLN A 64 12.68 15.44 0.07
N THR A 65 12.36 14.85 1.23
CA THR A 65 11.53 13.64 1.25
C THR A 65 10.17 13.90 0.64
N HIS A 66 9.52 15.00 1.04
CA HIS A 66 8.25 15.40 0.45
C HIS A 66 8.38 15.72 -1.04
N ALA A 67 9.55 16.21 -1.48
CA ALA A 67 9.69 16.54 -2.88
C ALA A 67 9.79 15.29 -3.74
N LYS A 68 10.63 14.34 -3.33
CA LYS A 68 10.79 13.11 -4.08
C LYS A 68 9.49 12.31 -4.11
N ARG A 69 8.72 12.36 -3.02
CA ARG A 69 7.45 11.64 -2.99
C ARG A 69 6.42 12.33 -3.88
N ALA A 70 6.34 13.66 -3.82
CA ALA A 70 5.40 14.37 -4.68
C ALA A 70 5.77 14.20 -6.15
N TYR A 71 7.06 14.32 -6.47
CA TYR A 71 7.50 14.21 -7.87
C TYR A 71 7.28 12.80 -8.40
N ARG A 72 7.71 11.77 -7.64
CA ARG A 72 7.59 10.42 -8.18
C ARG A 72 6.14 9.99 -8.30
N GLU A 73 5.27 10.45 -7.40
CA GLU A 73 3.87 10.05 -7.53
C GLU A 73 3.16 10.80 -8.64
N LEU A 74 3.56 12.05 -8.92
CA LEU A 74 3.04 12.71 -10.12
C LEU A 74 3.44 11.96 -11.38
N VAL A 75 4.71 11.59 -11.48
CA VAL A 75 5.19 10.87 -12.66
C VAL A 75 4.52 9.50 -12.76
N LEU A 76 4.42 8.78 -11.65
CA LEU A 76 3.87 7.42 -11.66
C LEU A 76 2.42 7.38 -12.13
N LEU A 77 1.65 8.46 -11.94
CA LEU A 77 0.29 8.47 -12.46
C LEU A 77 0.22 8.45 -13.98
N LYS A 78 1.34 8.75 -14.67
CA LYS A 78 1.44 8.56 -16.11
C LYS A 78 1.94 7.17 -16.48
N CYS A 79 2.40 6.38 -15.51
CA CYS A 79 2.87 5.04 -15.78
C CYS A 79 1.84 3.96 -15.52
N VAL A 80 0.95 4.17 -14.54
CA VAL A 80 -0.06 3.19 -14.15
C VAL A 80 -1.42 3.68 -14.61
N ASN A 81 -2.32 2.73 -14.85
CA ASN A 81 -3.73 3.04 -15.09
C ASN A 81 -4.54 1.78 -14.77
N HIS A 82 -5.02 1.69 -13.54
CA HIS A 82 -5.65 0.46 -13.07
C HIS A 82 -6.71 0.77 -12.03
N LYS A 83 -7.82 0.04 -12.06
CA LYS A 83 -8.91 0.35 -11.14
C LYS A 83 -8.51 0.18 -9.68
N ASN A 84 -7.55 -0.69 -9.38
CA ASN A 84 -7.15 -0.97 -8.01
C ASN A 84 -5.95 -0.15 -7.54
N ILE A 85 -5.58 0.86 -8.31
CA ILE A 85 -4.53 1.80 -7.92
C ILE A 85 -5.07 3.21 -8.09
N ILE A 86 -4.72 4.09 -7.16
CA ILE A 86 -5.06 5.50 -7.24
C ILE A 86 -4.87 6.03 -8.67
N SER A 87 -5.88 6.69 -9.19
CA SER A 87 -5.74 7.45 -10.41
C SER A 87 -6.43 8.78 -10.19
N LEU A 88 -5.89 9.82 -10.81
CA LEU A 88 -6.30 11.18 -10.50
C LEU A 88 -7.31 11.68 -11.52
N LEU A 89 -8.34 12.37 -11.02
CA LEU A 89 -9.27 13.10 -11.88
C LEU A 89 -8.72 14.46 -12.29
N ASN A 90 -7.92 15.09 -11.44
CA ASN A 90 -7.41 16.43 -11.72
C ASN A 90 -6.20 16.72 -10.85
N VAL A 91 -5.30 17.53 -11.40
CA VAL A 91 -4.14 18.09 -10.70
C VAL A 91 -4.10 19.57 -11.04
N PHE A 92 -4.01 20.44 -10.02
CA PHE A 92 -3.92 21.86 -10.34
C PHE A 92 -3.17 22.62 -9.25
N THR A 93 -2.75 23.84 -9.61
CA THR A 93 -2.26 24.80 -8.64
C THR A 93 -2.98 26.13 -8.84
N PRO A 94 -3.30 26.85 -7.75
CA PRO A 94 -3.87 28.20 -7.93
C PRO A 94 -2.84 29.27 -8.26
N GLN A 95 -1.55 29.01 -8.10
CA GLN A 95 -0.55 30.03 -8.42
C GLN A 95 -0.21 30.03 -9.90
N LYS A 96 0.06 31.22 -10.43
CA LYS A 96 0.10 31.44 -11.86
C LYS A 96 1.50 31.43 -12.46
N THR A 97 2.54 31.43 -11.64
CA THR A 97 3.91 31.40 -12.16
C THR A 97 4.75 30.42 -11.35
N LEU A 98 5.86 30.01 -11.97
CA LEU A 98 6.82 29.11 -11.32
C LEU A 98 7.23 29.63 -9.96
N GLU A 99 7.41 30.95 -9.83
CA GLU A 99 8.10 31.33 -8.61
C GLU A 99 7.14 31.77 -7.51
N GLU A 100 5.89 32.07 -7.82
CA GLU A 100 4.88 32.05 -6.76
C GLU A 100 4.30 30.65 -6.51
N PHE A 101 4.77 29.63 -7.22
CA PHE A 101 4.27 28.27 -7.02
C PHE A 101 4.56 27.77 -5.61
N GLN A 102 3.52 27.23 -4.97
CA GLN A 102 3.61 26.68 -3.63
C GLN A 102 2.82 25.38 -3.49
N ASP A 103 1.59 25.37 -3.96
CA ASP A 103 0.62 24.36 -3.58
C ASP A 103 0.20 23.53 -4.78
N VAL A 104 0.10 22.22 -4.58
CA VAL A 104 -0.41 21.28 -5.57
C VAL A 104 -1.66 20.62 -5.02
N TYR A 105 -2.73 20.58 -5.80
CA TYR A 105 -3.97 19.94 -5.38
C TYR A 105 -4.19 18.69 -6.21
N LEU A 106 -4.49 17.58 -5.54
CA LEU A 106 -4.78 16.32 -6.20
C LEU A 106 -6.23 15.95 -5.96
N VAL A 107 -6.90 15.48 -7.01
CA VAL A 107 -8.32 15.17 -6.97
C VAL A 107 -8.54 13.75 -7.46
N MET A 108 -9.30 12.96 -6.70
CA MET A 108 -9.65 11.62 -7.12
C MET A 108 -11.05 11.31 -6.61
N GLU A 109 -11.59 10.17 -7.04
CA GLU A 109 -12.93 9.81 -6.57
C GLU A 109 -12.88 9.55 -5.07
N LEU A 110 -13.95 9.93 -4.39
CA LEU A 110 -13.97 9.80 -2.94
C LEU A 110 -14.15 8.33 -2.53
N MET A 111 -13.28 7.87 -1.64
CA MET A 111 -13.40 6.54 -1.06
C MET A 111 -14.02 6.64 0.32
N ASP A 112 -14.69 5.56 0.73
CA ASP A 112 -15.50 5.60 1.95
C ASP A 112 -14.68 5.39 3.20
N ALA A 113 -13.67 4.53 3.14
CA ALA A 113 -12.94 4.18 4.33
C ALA A 113 -11.55 3.72 3.95
N ASN A 114 -10.72 3.60 4.96
CA ASN A 114 -9.44 2.96 4.80
C ASN A 114 -9.56 1.53 5.31
N LEU A 115 -8.65 0.66 4.85
CA LEU A 115 -8.73 -0.75 5.21
C LEU A 115 -8.56 -0.96 6.70
N CYS A 116 -7.81 -0.08 7.35
CA CYS A 116 -7.65 -0.14 8.80
C CYS A 116 -8.99 -0.12 9.52
N GLN A 117 -10.03 0.43 8.90
CA GLN A 117 -11.36 0.51 9.48
C GLN A 117 -12.21 -0.73 9.17
N VAL A 118 -11.94 -1.42 8.07
CA VAL A 118 -12.71 -2.62 7.74
C VAL A 118 -12.23 -3.86 8.46
N ILE A 119 -11.08 -3.78 9.14
CA ILE A 119 -10.47 -4.93 9.80
C ILE A 119 -11.39 -5.54 10.83
N HIS A 120 -12.20 -4.71 11.50
CA HIS A 120 -13.01 -5.14 12.62
C HIS A 120 -14.44 -5.48 12.21
N MET A 121 -14.71 -5.62 10.92
CA MET A 121 -16.06 -5.85 10.45
C MET A 121 -16.35 -7.31 10.12
N GLU A 122 -15.42 -8.21 10.43
CA GLU A 122 -15.64 -9.65 10.31
C GLU A 122 -16.28 -10.00 8.98
N LEU A 123 -15.56 -9.70 7.91
CA LEU A 123 -16.09 -9.92 6.57
C LEU A 123 -16.25 -11.41 6.29
N ASP A 124 -17.23 -11.75 5.45
CA ASP A 124 -17.35 -13.14 5.05
C ASP A 124 -16.32 -13.47 3.96
N HIS A 125 -16.40 -14.71 3.46
CA HIS A 125 -15.43 -15.18 2.47
C HIS A 125 -15.53 -14.38 1.17
N GLU A 126 -16.77 -14.09 0.73
CA GLU A 126 -16.94 -13.41 -0.55
C GLU A 126 -16.25 -12.05 -0.55
N ARG A 127 -16.40 -11.29 0.54
CA ARG A 127 -15.80 -9.97 0.64
C ARG A 127 -14.29 -10.03 0.93
N MET A 128 -13.88 -10.93 1.83
CA MET A 128 -12.46 -11.12 2.06
C MET A 128 -11.74 -11.51 0.77
N SER A 129 -12.28 -12.48 0.05
CA SER A 129 -11.57 -12.96 -1.13
C SER A 129 -11.58 -11.92 -2.25
N TYR A 130 -12.59 -11.04 -2.27
CA TYR A 130 -12.62 -9.97 -3.27
C TYR A 130 -11.61 -8.89 -2.93
N LEU A 131 -11.50 -8.52 -1.65
CA LEU A 131 -10.47 -7.57 -1.26
C LEU A 131 -9.08 -8.09 -1.58
N LEU A 132 -8.83 -9.37 -1.26
CA LEU A 132 -7.52 -9.95 -1.54
C LEU A 132 -7.23 -9.93 -3.04
N TYR A 133 -8.21 -10.35 -3.84
CA TYR A 133 -8.09 -10.34 -5.30
C TYR A 133 -7.67 -8.97 -5.82
N GLN A 134 -8.34 -7.91 -5.33
CA GLN A 134 -8.06 -6.57 -5.82
C GLN A 134 -6.66 -6.13 -5.41
N MET A 135 -6.28 -6.40 -4.17
CA MET A 135 -4.93 -6.09 -3.73
C MET A 135 -3.91 -6.74 -4.65
N LEU A 136 -4.11 -8.02 -4.97
CA LEU A 136 -3.16 -8.70 -5.85
C LEU A 136 -3.15 -8.10 -7.25
N CYS A 137 -4.32 -7.72 -7.77
CA CYS A 137 -4.39 -7.10 -9.09
C CYS A 137 -3.60 -5.80 -9.15
N GLY A 138 -3.80 -4.93 -8.14
CA GLY A 138 -3.05 -3.67 -8.11
C GLY A 138 -1.55 -3.89 -7.96
N ILE A 139 -1.16 -4.85 -7.13
CA ILE A 139 0.26 -5.09 -6.92
C ILE A 139 0.90 -5.65 -8.20
N LYS A 140 0.21 -6.56 -8.89
CA LYS A 140 0.76 -7.06 -10.16
C LYS A 140 0.94 -5.91 -11.15
N HIS A 141 -0.01 -4.98 -11.19
CA HIS A 141 0.10 -3.84 -12.08
C HIS A 141 1.27 -2.93 -11.67
N LEU A 142 1.45 -2.72 -10.35
CA LEU A 142 2.58 -1.90 -9.89
C LEU A 142 3.92 -2.54 -10.25
N HIS A 143 4.05 -3.85 -10.01
CA HIS A 143 5.28 -4.55 -10.36
C HIS A 143 5.58 -4.44 -11.85
N SER A 144 4.57 -4.60 -12.71
CA SER A 144 4.79 -4.48 -14.15
C SER A 144 5.28 -3.10 -14.55
N ALA A 145 4.94 -2.07 -13.77
CA ALA A 145 5.42 -0.72 -14.03
C ALA A 145 6.78 -0.43 -13.40
N GLY A 146 7.43 -1.41 -12.79
CA GLY A 146 8.71 -1.16 -12.19
C GLY A 146 8.70 -0.78 -10.72
N ILE A 147 7.54 -0.86 -10.05
CA ILE A 147 7.37 -0.36 -8.68
C ILE A 147 7.18 -1.55 -7.76
N ILE A 148 8.08 -1.73 -6.81
CA ILE A 148 7.85 -2.61 -5.66
C ILE A 148 7.41 -1.72 -4.51
N HIS A 149 6.26 -2.02 -3.90
CA HIS A 149 5.70 -1.05 -2.95
C HIS A 149 6.54 -0.98 -1.67
N ARG A 150 6.78 -2.13 -1.03
CA ARG A 150 7.65 -2.31 0.14
C ARG A 150 7.03 -1.81 1.43
N ASP A 151 5.91 -1.10 1.38
CA ASP A 151 5.36 -0.63 2.65
C ASP A 151 3.85 -0.73 2.65
N LEU A 152 3.32 -1.82 2.12
CA LEU A 152 1.87 -1.99 2.11
C LEU A 152 1.40 -2.30 3.52
N LYS A 153 0.41 -1.54 3.97
CA LYS A 153 -0.22 -1.83 5.25
C LYS A 153 -1.68 -1.42 5.12
N PRO A 154 -2.50 -1.76 6.11
CA PRO A 154 -3.93 -1.37 6.04
C PRO A 154 -4.14 0.09 5.69
N SER A 155 -3.33 1.00 6.22
CA SER A 155 -3.60 2.41 6.00
C SER A 155 -3.23 2.90 4.60
N ASN A 156 -2.50 2.10 3.81
CA ASN A 156 -2.21 2.47 2.42
C ASN A 156 -3.31 2.11 1.45
N ILE A 157 -4.44 1.61 1.95
CA ILE A 157 -5.44 0.96 1.11
C ILE A 157 -6.82 1.45 1.50
N VAL A 158 -7.57 1.96 0.52
CA VAL A 158 -8.88 2.55 0.80
C VAL A 158 -9.94 1.75 0.04
N VAL A 159 -11.15 1.79 0.56
CA VAL A 159 -12.23 0.97 0.03
C VAL A 159 -13.50 1.79 0.03
N LYS A 160 -14.43 1.40 -0.84
CA LYS A 160 -15.77 1.94 -0.88
C LYS A 160 -16.74 0.91 -0.31
N SER A 161 -17.97 1.36 0.02
CA SER A 161 -18.93 0.49 0.70
C SER A 161 -19.36 -0.67 -0.16
N ASP A 162 -19.15 -0.58 -1.48
CA ASP A 162 -19.36 -1.68 -2.42
C ASP A 162 -18.16 -2.62 -2.51
N CYS A 163 -17.20 -2.52 -1.58
CA CYS A 163 -16.09 -3.46 -1.44
C CYS A 163 -15.02 -3.29 -2.53
N THR A 164 -15.08 -2.22 -3.31
CA THR A 164 -14.02 -1.94 -4.27
C THR A 164 -12.86 -1.26 -3.54
N LEU A 165 -11.65 -1.46 -4.07
CA LEU A 165 -10.44 -1.10 -3.33
C LEU A 165 -9.41 -0.45 -4.23
N LYS A 166 -8.63 0.47 -3.66
CA LYS A 166 -7.50 1.08 -4.37
C LYS A 166 -6.30 1.20 -3.44
N ILE A 167 -5.14 0.79 -3.93
CA ILE A 167 -3.89 1.12 -3.25
C ILE A 167 -3.66 2.61 -3.40
N LEU A 168 -3.43 3.28 -2.27
CA LEU A 168 -3.54 4.73 -2.21
C LEU A 168 -2.26 5.44 -2.65
N ASP A 169 -1.09 4.82 -2.48
CA ASP A 169 0.17 5.48 -2.84
C ASP A 169 1.09 4.46 -3.50
N PHE A 170 2.28 4.94 -3.88
CA PHE A 170 3.20 4.12 -4.64
C PHE A 170 4.37 3.61 -3.82
N GLY A 171 4.28 3.71 -2.50
CA GLY A 171 5.21 2.99 -1.66
C GLY A 171 6.50 3.75 -1.42
N LEU A 172 7.57 2.97 -1.23
CA LEU A 172 8.85 3.46 -0.76
C LEU A 172 9.89 3.32 -1.85
N ALA A 173 10.37 4.45 -2.37
CA ALA A 173 11.46 4.44 -3.34
C ALA A 173 12.66 3.68 -2.79
N ARG A 174 13.34 2.96 -3.68
CA ARG A 174 14.53 2.23 -3.25
C ARG A 174 15.55 3.17 -2.61
N THR A 175 15.73 4.36 -3.18
CA THR A 175 16.67 5.35 -2.67
C THR A 175 16.14 6.13 -1.46
N ALA A 176 15.03 5.72 -0.86
CA ALA A 176 14.53 6.38 0.35
C ALA A 176 15.51 6.12 1.48
N CYS A 177 16.17 7.17 1.95
CA CYS A 177 17.01 7.01 3.12
C CYS A 177 16.20 6.94 4.41
N THR A 178 14.87 7.09 4.31
CA THR A 178 13.97 7.09 5.46
C THR A 178 13.62 5.67 5.89
N ASN A 179 14.49 4.69 5.59
CA ASN A 179 14.24 3.27 5.81
C ASN A 179 12.90 2.84 5.24
N PHE A 180 11.91 2.61 6.13
CA PHE A 180 10.58 2.14 5.75
C PHE A 180 9.51 2.94 6.50
N MET A 181 9.10 4.09 5.95
CA MET A 181 8.14 4.92 6.70
C MET A 181 7.25 5.86 5.90
N MET A 182 7.08 7.07 6.48
CA MET A 182 6.10 8.12 6.17
C MET A 182 4.86 7.92 7.03
N THR A 183 4.35 9.01 7.60
CA THR A 183 3.48 8.95 8.78
C THR A 183 2.17 9.70 8.59
N PRO A 184 1.07 8.99 8.36
CA PRO A 184 -0.22 9.51 8.79
C PRO A 184 -0.44 9.16 10.27
N TYR A 185 -0.01 7.96 10.66
CA TYR A 185 -0.24 7.45 12.01
C TYR A 185 1.07 6.91 12.59
N VAL A 186 0.96 6.01 13.56
CA VAL A 186 2.13 5.46 14.23
C VAL A 186 2.84 4.49 13.30
N VAL A 187 4.13 4.75 13.05
CA VAL A 187 4.97 3.87 12.22
C VAL A 187 5.09 2.50 12.88
N THR A 188 4.89 1.45 12.09
CA THR A 188 4.92 0.10 12.65
C THR A 188 5.63 -0.87 11.72
N ARG A 189 6.17 -1.92 12.33
CA ARG A 189 6.87 -3.01 11.69
C ARG A 189 5.97 -4.16 11.31
N TYR A 190 4.66 -4.08 11.60
CA TYR A 190 3.82 -5.27 11.63
C TYR A 190 3.75 -5.95 10.27
N TYR A 191 3.90 -5.19 9.19
CA TYR A 191 3.67 -5.67 7.85
C TYR A 191 4.95 -5.82 7.05
N ARG A 192 6.09 -5.59 7.68
CA ARG A 192 7.35 -5.58 6.95
C ARG A 192 7.90 -6.99 6.84
N ALA A 193 8.33 -7.36 5.63
CA ALA A 193 8.76 -8.73 5.39
C ALA A 193 9.98 -9.06 6.27
N PRO A 194 10.17 -10.33 6.61
CA PRO A 194 11.35 -10.71 7.44
C PRO A 194 12.69 -10.37 6.79
N GLU A 195 12.85 -10.59 5.48
CA GLU A 195 14.08 -10.22 4.80
C GLU A 195 14.41 -8.75 5.01
N VAL A 196 13.39 -7.93 5.24
CA VAL A 196 13.63 -6.50 5.49
C VAL A 196 14.02 -6.27 6.94
N ILE A 197 13.37 -6.97 7.89
CA ILE A 197 13.75 -6.84 9.29
C ILE A 197 15.18 -7.30 9.48
N LEU A 198 15.62 -8.32 8.73
CA LEU A 198 16.93 -8.93 8.89
C LEU A 198 18.02 -8.24 8.07
N GLY A 199 17.69 -7.21 7.30
CA GLY A 199 18.70 -6.55 6.49
C GLY A 199 19.19 -7.33 5.29
N MET A 200 18.36 -8.19 4.73
CA MET A 200 18.82 -9.15 3.73
C MET A 200 18.86 -8.61 2.31
N GLY A 201 18.10 -7.57 1.99
CA GLY A 201 17.84 -7.30 0.59
C GLY A 201 16.51 -7.92 0.19
N TYR A 202 15.79 -7.29 -0.74
CA TYR A 202 14.41 -7.67 -0.99
C TYR A 202 14.14 -7.79 -2.48
N LYS A 203 13.08 -8.52 -2.81
CA LYS A 203 12.58 -8.66 -4.17
C LYS A 203 11.10 -8.27 -4.13
N GLU A 204 10.37 -8.48 -5.22
CA GLU A 204 8.96 -8.07 -5.25
C GLU A 204 8.07 -8.77 -4.27
N ASN A 205 8.34 -10.02 -4.01
CA ASN A 205 7.40 -10.68 -3.15
C ASN A 205 7.51 -10.19 -1.68
N VAL A 206 8.29 -9.14 -1.36
CA VAL A 206 8.06 -8.44 -0.10
C VAL A 206 6.63 -8.00 -0.02
N ASP A 207 6.02 -7.69 -1.18
CA ASP A 207 4.64 -7.21 -1.16
C ASP A 207 3.66 -8.33 -0.86
N ILE A 208 4.03 -9.58 -1.18
CA ILE A 208 3.18 -10.72 -0.90
C ILE A 208 3.13 -10.98 0.61
N TRP A 209 4.27 -10.85 1.29
CA TRP A 209 4.26 -10.97 2.75
C TRP A 209 3.29 -9.98 3.38
N SER A 210 3.39 -8.70 2.98
CA SER A 210 2.49 -7.66 3.48
C SER A 210 1.03 -8.00 3.22
N VAL A 211 0.71 -8.48 2.01
CA VAL A 211 -0.68 -8.84 1.71
C VAL A 211 -1.15 -10.00 2.56
N GLY A 212 -0.26 -10.98 2.81
CA GLY A 212 -0.58 -12.05 3.74
C GLY A 212 -0.90 -11.55 5.14
N CYS A 213 -0.07 -10.64 5.68
CA CYS A 213 -0.33 -10.06 7.00
C CYS A 213 -1.65 -9.32 7.05
N ILE A 214 -2.00 -8.60 5.98
CA ILE A 214 -3.27 -7.89 5.92
C ILE A 214 -4.43 -8.88 5.86
N MET A 215 -4.31 -9.90 5.01
CA MET A 215 -5.34 -10.93 4.92
C MET A 215 -5.50 -11.67 6.25
N GLY A 216 -4.40 -11.96 6.93
CA GLY A 216 -4.50 -12.61 8.22
C GLY A 216 -5.25 -11.76 9.22
N GLU A 217 -4.94 -10.46 9.23
CA GLU A 217 -5.61 -9.52 10.12
C GLU A 217 -7.11 -9.44 9.84
N LEU A 218 -7.51 -9.40 8.56
CA LEU A 218 -8.95 -9.34 8.34
C LEU A 218 -9.64 -10.67 8.64
N VAL A 219 -8.92 -11.80 8.62
CA VAL A 219 -9.50 -13.06 9.06
C VAL A 219 -9.61 -13.08 10.58
N LYS A 220 -8.52 -12.72 11.27
CA LYS A 220 -8.46 -12.88 12.72
C LYS A 220 -9.04 -11.68 13.47
N GLY A 221 -9.09 -10.51 12.85
CA GLY A 221 -9.53 -9.31 13.52
C GLY A 221 -8.47 -8.60 14.34
N CYS A 222 -7.24 -9.11 14.34
CA CYS A 222 -6.13 -8.47 15.03
C CYS A 222 -4.84 -8.66 14.23
N VAL A 223 -3.82 -7.90 14.65
CA VAL A 223 -2.52 -7.91 13.98
C VAL A 223 -1.83 -9.26 14.16
N ILE A 224 -1.33 -9.83 13.06
CA ILE A 224 -0.78 -11.18 13.13
C ILE A 224 0.58 -11.20 13.82
N PHE A 225 1.49 -10.34 13.37
CA PHE A 225 2.85 -10.25 13.91
C PHE A 225 3.02 -8.88 14.55
N GLN A 226 2.68 -8.78 15.84
CA GLN A 226 2.60 -7.47 16.48
C GLN A 226 3.83 -7.20 17.34
N GLY A 227 4.98 -7.14 16.68
CA GLY A 227 6.22 -6.89 17.39
C GLY A 227 6.32 -5.46 17.89
N THR A 228 6.92 -5.31 19.06
CA THR A 228 6.98 -4.00 19.71
C THR A 228 8.31 -3.30 19.48
N ASP A 229 9.26 -3.96 18.83
CA ASP A 229 10.48 -3.34 18.35
C ASP A 229 11.02 -4.26 17.26
N HIS A 230 12.19 -3.90 16.73
CA HIS A 230 12.81 -4.71 15.67
C HIS A 230 13.04 -6.15 16.13
N ILE A 231 13.58 -6.33 17.33
CA ILE A 231 13.90 -7.66 17.85
C ILE A 231 12.63 -8.45 18.14
N ASP A 232 11.66 -7.80 18.76
CA ASP A 232 10.42 -8.45 19.12
C ASP A 232 9.62 -8.83 17.88
N GLN A 233 9.81 -8.10 16.77
CA GLN A 233 9.10 -8.41 15.53
C GLN A 233 9.54 -9.76 14.98
N TRP A 234 10.86 -9.96 14.89
CA TRP A 234 11.42 -11.24 14.48
C TRP A 234 10.91 -12.39 15.36
N ASN A 235 10.87 -12.17 16.68
CA ASN A 235 10.42 -13.21 17.61
C ASN A 235 8.97 -13.60 17.31
N LYS A 236 8.10 -12.59 17.17
CA LYS A 236 6.70 -12.86 16.86
C LYS A 236 6.56 -13.66 15.59
N VAL A 237 7.48 -13.46 14.64
CA VAL A 237 7.43 -14.20 13.38
C VAL A 237 7.88 -15.64 13.60
N ILE A 238 9.01 -15.85 14.27
CA ILE A 238 9.46 -17.24 14.39
C ILE A 238 8.60 -18.01 15.39
N GLU A 239 7.99 -17.34 16.38
CA GLU A 239 7.11 -18.03 17.31
C GLU A 239 5.94 -18.70 16.60
N GLN A 240 5.44 -18.08 15.53
CA GLN A 240 4.26 -18.60 14.86
C GLN A 240 4.59 -19.45 13.63
N LEU A 241 5.54 -19.03 12.82
CA LEU A 241 5.89 -19.77 11.62
C LEU A 241 7.06 -20.74 11.81
N GLY A 242 7.76 -20.69 12.92
CA GLY A 242 8.91 -21.56 13.06
C GLY A 242 10.21 -20.91 12.61
N THR A 243 11.29 -21.26 13.32
CA THR A 243 12.63 -20.86 12.91
C THR A 243 12.90 -21.32 11.48
N PRO A 244 13.37 -20.42 10.59
CA PRO A 244 13.58 -20.82 9.19
C PRO A 244 14.77 -21.76 9.02
N SER A 245 14.98 -22.23 7.80
CA SER A 245 15.99 -23.23 7.51
C SER A 245 17.40 -22.71 7.81
N ALA A 246 18.32 -23.65 8.00
CA ALA A 246 19.72 -23.31 8.22
C ALA A 246 20.31 -22.59 7.01
N GLU A 247 19.92 -23.02 5.80
CA GLU A 247 20.37 -22.35 4.59
C GLU A 247 20.04 -20.87 4.64
N PHE A 248 18.77 -20.55 4.91
CA PHE A 248 18.34 -19.16 4.98
C PHE A 248 19.17 -18.39 6.01
N MET A 249 19.32 -18.95 7.20
CA MET A 249 20.02 -18.24 8.26
C MET A 249 21.49 -18.06 7.92
N LYS A 250 22.11 -19.10 7.36
CA LYS A 250 23.52 -19.02 7.01
C LYS A 250 23.80 -17.87 6.05
N LYS A 251 22.81 -17.49 5.23
CA LYS A 251 23.00 -16.44 4.24
C LYS A 251 22.93 -15.03 4.83
N LEU A 252 22.57 -14.91 6.11
CA LEU A 252 22.56 -13.62 6.78
C LEU A 252 23.99 -13.12 7.01
N GLN A 253 24.11 -11.79 7.15
CA GLN A 253 25.37 -11.21 7.56
C GLN A 253 25.79 -11.78 8.92
N PRO A 254 27.07 -12.11 9.12
CA PRO A 254 27.50 -12.84 10.32
C PRO A 254 26.94 -12.34 11.64
N THR A 255 26.95 -11.03 11.89
CA THR A 255 26.46 -10.53 13.17
C THR A 255 24.95 -10.78 13.33
N VAL A 256 24.17 -10.56 12.27
CA VAL A 256 22.75 -10.89 12.30
C VAL A 256 22.56 -12.39 12.47
N ARG A 257 23.27 -13.18 11.66
CA ARG A 257 23.18 -14.62 11.73
C ARG A 257 23.52 -15.13 13.13
N ASN A 258 24.53 -14.54 13.77
CA ASN A 258 24.92 -14.93 15.12
C ASN A 258 23.77 -14.74 16.09
N TYR A 259 23.13 -13.56 16.06
CA TYR A 259 22.00 -13.32 16.95
C TYR A 259 20.83 -14.25 16.63
N VAL A 260 20.54 -14.43 15.34
CA VAL A 260 19.33 -15.13 14.93
C VAL A 260 19.46 -16.63 15.17
N GLU A 261 20.63 -17.21 14.91
CA GLU A 261 20.86 -18.62 15.18
C GLU A 261 20.92 -18.93 16.67
N ASN A 262 20.96 -17.92 17.55
CA ASN A 262 21.04 -18.15 18.99
C ASN A 262 19.71 -18.00 19.69
N ARG A 263 18.65 -17.65 18.96
CA ARG A 263 17.33 -17.56 19.54
C ARG A 263 16.81 -18.97 19.84
N PRO A 264 15.84 -19.09 20.75
CA PRO A 264 15.09 -20.35 20.85
C PRO A 264 14.66 -20.80 19.45
N LYS A 265 14.80 -22.10 19.19
CA LYS A 265 14.41 -22.66 17.90
C LYS A 265 12.93 -23.04 17.94
N TYR A 266 12.14 -22.43 17.05
CA TYR A 266 10.72 -22.79 17.15
C TYR A 266 10.29 -23.71 16.02
N PRO A 267 9.39 -24.65 16.32
CA PRO A 267 8.89 -25.54 15.28
C PRO A 267 7.82 -24.89 14.41
N GLY A 268 7.13 -23.88 14.90
CA GLY A 268 6.08 -23.31 14.07
C GLY A 268 4.73 -23.94 14.37
N ILE A 269 3.68 -23.17 14.14
CA ILE A 269 2.31 -23.64 14.36
C ILE A 269 1.67 -23.96 13.02
N LYS A 270 1.10 -25.15 12.89
CA LYS A 270 0.37 -25.51 11.69
C LYS A 270 -0.71 -24.48 11.39
N PHE A 271 -0.93 -24.19 10.10
CA PHE A 271 -1.87 -23.13 9.79
C PHE A 271 -3.30 -23.50 10.19
N GLU A 272 -3.59 -24.79 10.34
CA GLU A 272 -4.91 -25.21 10.81
C GLU A 272 -5.13 -24.84 12.27
N GLU A 273 -4.05 -24.62 13.04
CA GLU A 273 -4.18 -24.06 14.38
C GLU A 273 -4.02 -22.55 14.38
N LEU A 274 -3.13 -22.02 13.53
CA LEU A 274 -2.94 -20.57 13.43
C LEU A 274 -4.20 -19.88 12.92
N PHE A 275 -4.88 -20.52 11.98
CA PHE A 275 -6.08 -19.97 11.37
C PHE A 275 -7.11 -21.10 11.42
N PRO A 276 -7.69 -21.35 12.59
CA PRO A 276 -8.61 -22.48 12.74
C PRO A 276 -9.98 -22.16 12.14
N ASP A 277 -10.76 -23.23 11.99
CA ASP A 277 -12.06 -23.10 11.33
C ASP A 277 -12.96 -22.11 12.03
N TRP A 278 -12.82 -21.92 13.35
CA TRP A 278 -13.80 -21.13 14.09
C TRP A 278 -13.63 -19.62 13.89
N ILE A 279 -12.48 -19.15 13.37
CA ILE A 279 -12.36 -17.74 12.98
C ILE A 279 -12.81 -17.47 11.56
N PHE A 280 -13.24 -18.50 10.82
CA PHE A 280 -13.78 -18.41 9.48
C PHE A 280 -15.27 -18.71 9.49
N PRO A 281 -16.03 -18.25 8.50
CA PRO A 281 -17.40 -18.77 8.31
C PRO A 281 -17.52 -20.29 8.40
N SER A 282 -16.87 -21.04 7.50
CA SER A 282 -16.67 -22.49 7.67
C SER A 282 -17.91 -23.35 7.95
N GLU A 283 -19.12 -22.77 7.88
CA GLU A 283 -20.32 -23.45 8.37
C GLU A 283 -21.22 -23.92 7.24
N SER A 284 -20.66 -24.60 6.24
CA SER A 284 -21.39 -25.18 5.12
C SER A 284 -20.38 -25.87 4.21
N GLU A 285 -20.90 -26.66 3.26
CA GLU A 285 -20.04 -27.26 2.25
C GLU A 285 -19.25 -26.16 1.52
N ARG A 286 -19.94 -25.10 1.10
CA ARG A 286 -19.30 -24.04 0.36
C ARG A 286 -18.24 -23.31 1.22
N ASP A 287 -18.53 -23.10 2.50
CA ASP A 287 -17.61 -22.33 3.32
C ASP A 287 -16.44 -23.18 3.81
N LYS A 288 -16.65 -24.48 4.00
CA LYS A 288 -15.54 -25.36 4.34
C LYS A 288 -14.51 -25.38 3.22
N ILE A 289 -14.98 -25.40 1.97
CA ILE A 289 -14.08 -25.30 0.83
C ILE A 289 -13.33 -23.97 0.86
N LYS A 290 -14.07 -22.86 1.01
CA LYS A 290 -13.43 -21.54 0.99
C LYS A 290 -12.42 -21.40 2.11
N THR A 291 -12.74 -21.94 3.30
CA THR A 291 -11.82 -21.84 4.43
C THR A 291 -10.54 -22.61 4.14
N SER A 292 -10.67 -23.83 3.66
CA SER A 292 -9.49 -24.59 3.27
C SER A 292 -8.66 -23.85 2.21
N GLN A 293 -9.33 -23.21 1.24
CA GLN A 293 -8.57 -22.48 0.23
C GLN A 293 -7.89 -21.26 0.83
N ALA A 294 -8.61 -20.52 1.69
CA ALA A 294 -8.03 -19.32 2.29
C ALA A 294 -6.80 -19.66 3.12
N ARG A 295 -6.87 -20.75 3.89
CA ARG A 295 -5.74 -21.13 4.75
C ARG A 295 -4.55 -21.59 3.92
N ASP A 296 -4.83 -22.29 2.82
CA ASP A 296 -3.75 -22.74 1.94
C ASP A 296 -3.02 -21.57 1.31
N LEU A 297 -3.77 -20.54 0.91
CA LEU A 297 -3.11 -19.38 0.32
C LEU A 297 -2.33 -18.62 1.37
N LEU A 298 -2.89 -18.50 2.57
CA LEU A 298 -2.17 -17.86 3.66
C LEU A 298 -0.86 -18.58 3.94
N SER A 299 -0.87 -19.92 3.89
CA SER A 299 0.34 -20.68 4.17
C SER A 299 1.38 -20.52 3.09
N LYS A 300 1.01 -19.98 1.92
CA LYS A 300 1.96 -19.74 0.85
C LYS A 300 2.42 -18.28 0.76
N MET A 301 1.66 -17.34 1.35
CA MET A 301 2.11 -15.96 1.47
C MET A 301 2.95 -15.71 2.72
N LEU A 302 2.53 -16.28 3.85
CA LEU A 302 3.23 -16.09 5.13
C LEU A 302 4.35 -17.12 5.24
N VAL A 303 5.39 -16.88 4.46
CA VAL A 303 6.56 -17.74 4.36
C VAL A 303 7.79 -16.86 4.56
N ILE A 304 8.60 -17.18 5.57
CA ILE A 304 9.73 -16.33 5.93
C ILE A 304 10.72 -16.22 4.78
N ASP A 305 11.11 -17.35 4.20
CA ASP A 305 12.15 -17.33 3.17
C ASP A 305 11.56 -16.84 1.84
N PRO A 306 11.97 -15.67 1.33
CA PRO A 306 11.32 -15.13 0.13
C PRO A 306 11.47 -16.02 -1.09
N ASP A 307 12.42 -16.95 -1.11
CA ASP A 307 12.60 -17.82 -2.27
C ASP A 307 11.53 -18.91 -2.35
N LYS A 308 10.81 -19.16 -1.25
CA LYS A 308 9.73 -20.13 -1.23
C LYS A 308 8.37 -19.48 -1.07
N ARG A 309 8.32 -18.15 -0.99
CA ARG A 309 7.04 -17.44 -0.88
C ARG A 309 6.38 -17.33 -2.25
N ILE A 310 5.06 -17.51 -2.28
CA ILE A 310 4.31 -17.46 -3.51
C ILE A 310 4.48 -16.10 -4.18
N SER A 311 4.51 -16.09 -5.51
CA SER A 311 4.56 -14.84 -6.26
C SER A 311 3.14 -14.29 -6.44
N VAL A 312 3.08 -13.01 -6.82
CA VAL A 312 1.80 -12.36 -7.11
C VAL A 312 1.08 -13.06 -8.25
N ASP A 313 1.82 -13.42 -9.31
CA ASP A 313 1.20 -14.08 -10.45
C ASP A 313 0.59 -15.41 -10.05
N GLU A 314 1.28 -16.15 -9.17
CA GLU A 314 0.79 -17.43 -8.68
C GLU A 314 -0.41 -17.23 -7.73
N ALA A 315 -0.29 -16.30 -6.78
CA ALA A 315 -1.40 -16.03 -5.88
C ALA A 315 -2.67 -15.66 -6.64
N LEU A 316 -2.53 -14.92 -7.75
CA LEU A 316 -3.69 -14.48 -8.52
C LEU A 316 -4.46 -15.65 -9.12
N ARG A 317 -3.78 -16.77 -9.39
CA ARG A 317 -4.44 -17.95 -9.94
C ARG A 317 -4.94 -18.92 -8.87
N HIS A 318 -4.82 -18.58 -7.58
CA HIS A 318 -5.17 -19.52 -6.53
C HIS A 318 -6.69 -19.76 -6.51
N PRO A 319 -7.12 -21.02 -6.28
CA PRO A 319 -8.56 -21.34 -6.21
C PRO A 319 -9.38 -20.47 -5.28
N TYR A 320 -8.81 -19.94 -4.18
CA TYR A 320 -9.57 -19.03 -3.34
C TYR A 320 -10.05 -17.80 -4.09
N ILE A 321 -9.35 -17.45 -5.18
CA ILE A 321 -9.54 -16.18 -5.85
C ILE A 321 -10.31 -16.32 -7.16
N THR A 322 -10.51 -17.55 -7.63
CA THR A 322 -10.98 -17.78 -9.00
C THR A 322 -12.34 -17.17 -9.26
N VAL A 323 -13.24 -17.19 -8.27
CA VAL A 323 -14.58 -16.62 -8.45
C VAL A 323 -14.50 -15.20 -9.02
N TRP A 324 -13.43 -14.46 -8.71
CA TRP A 324 -13.28 -13.09 -9.16
C TRP A 324 -12.39 -12.93 -10.39
N TYR A 325 -11.60 -13.94 -10.76
CA TYR A 325 -10.54 -13.74 -11.74
C TYR A 325 -11.09 -13.23 -13.06
N ASP A 326 -10.58 -12.09 -13.50
CA ASP A 326 -10.99 -11.49 -14.76
C ASP A 326 -9.74 -10.93 -15.41
N PRO A 327 -9.31 -11.50 -16.55
CA PRO A 327 -8.09 -11.00 -17.19
C PRO A 327 -8.12 -9.50 -17.45
N ALA A 328 -9.30 -8.91 -17.61
CA ALA A 328 -9.37 -7.46 -17.81
C ALA A 328 -8.76 -6.69 -16.65
N GLU A 329 -8.72 -7.31 -15.45
CA GLU A 329 -8.12 -6.71 -14.26
C GLU A 329 -6.82 -7.39 -13.83
N ALA A 330 -6.70 -8.68 -14.07
CA ALA A 330 -5.56 -9.46 -13.60
C ALA A 330 -4.45 -9.55 -14.62
N GLU A 331 -4.72 -9.22 -15.89
CA GLU A 331 -3.73 -9.30 -16.97
C GLU A 331 -3.78 -7.97 -17.70
N ALA A 332 -3.31 -6.91 -17.04
CA ALA A 332 -3.58 -5.54 -17.47
C ALA A 332 -2.30 -4.72 -17.33
N PRO A 333 -1.43 -4.74 -18.34
CA PRO A 333 -0.12 -4.09 -18.22
C PRO A 333 -0.24 -2.58 -18.12
N PRO A 334 0.75 -1.92 -17.51
CA PRO A 334 0.67 -0.48 -17.29
C PRO A 334 1.02 0.29 -18.55
N PRO A 335 0.47 1.50 -18.72
CA PRO A 335 0.84 2.34 -19.87
C PRO A 335 2.34 2.54 -20.07
N GLN A 336 3.13 2.73 -19.00
CA GLN A 336 4.57 2.89 -19.13
C GLN A 336 5.29 2.20 -17.96
N ILE A 337 6.60 1.93 -18.15
CA ILE A 337 7.50 1.53 -17.06
C ILE A 337 8.15 2.78 -16.49
N TYR A 338 8.21 2.86 -15.15
CA TYR A 338 8.79 4.03 -14.49
C TYR A 338 10.30 4.11 -14.71
N ASP A 339 10.76 5.29 -15.12
CA ASP A 339 12.18 5.62 -15.21
C ASP A 339 12.59 6.24 -13.88
N ALA A 340 13.18 5.44 -13.00
CA ALA A 340 13.52 5.92 -11.66
C ALA A 340 14.74 6.81 -11.65
N GLN A 341 15.61 6.72 -12.66
CA GLN A 341 16.90 7.42 -12.63
C GLN A 341 16.75 8.90 -12.32
N LEU A 342 15.64 9.52 -12.74
CA LEU A 342 15.46 10.95 -12.49
C LEU A 342 15.11 11.27 -11.04
N GLU A 343 14.57 10.31 -10.28
CA GLU A 343 14.26 10.56 -8.87
C GLU A 343 15.47 10.36 -7.96
N GLU A 344 16.51 9.67 -8.44
CA GLU A 344 17.68 9.34 -7.63
C GLU A 344 18.74 10.42 -7.64
N ARG A 345 18.71 11.35 -8.60
CA ARG A 345 19.69 12.41 -8.70
C ARG A 345 19.45 13.47 -7.63
N GLU A 346 20.49 14.29 -7.39
CA GLU A 346 20.58 15.14 -6.21
C GLU A 346 19.44 16.16 -6.12
N HIS A 347 19.41 17.13 -7.05
CA HIS A 347 18.39 18.18 -7.12
C HIS A 347 18.33 19.09 -5.89
N ALA A 348 18.67 20.36 -6.07
CA ALA A 348 18.39 21.37 -5.07
C ALA A 348 16.89 21.58 -4.89
N ILE A 349 16.53 22.29 -3.82
CA ILE A 349 15.13 22.58 -3.55
C ILE A 349 14.49 23.32 -4.72
N GLU A 350 15.22 24.25 -5.35
CA GLU A 350 14.65 24.98 -6.48
C GLU A 350 14.53 24.11 -7.72
N GLU A 351 15.38 23.09 -7.85
CA GLU A 351 15.20 22.15 -8.95
C GLU A 351 13.94 21.32 -8.74
N TRP A 352 13.68 20.88 -7.50
CA TRP A 352 12.43 20.16 -7.21
C TRP A 352 11.22 21.01 -7.51
N LYS A 353 11.27 22.30 -7.13
CA LYS A 353 10.15 23.20 -7.39
C LYS A 353 9.83 23.25 -8.88
N GLU A 354 10.86 23.41 -9.71
CA GLU A 354 10.67 23.44 -11.16
C GLU A 354 10.16 22.09 -11.67
N LEU A 355 10.75 21.00 -11.18
CA LEU A 355 10.34 19.66 -11.61
C LEU A 355 8.88 19.38 -11.26
N ILE A 356 8.46 19.77 -10.06
CA ILE A 356 7.08 19.53 -9.65
C ILE A 356 6.14 20.44 -10.43
N TYR A 357 6.51 21.71 -10.58
CA TYR A 357 5.66 22.67 -11.29
C TYR A 357 5.40 22.21 -12.71
N LYS A 358 6.45 21.76 -13.40
CA LYS A 358 6.30 21.26 -14.75
C LYS A 358 5.27 20.14 -14.81
N GLU A 359 5.40 19.14 -13.94
CA GLU A 359 4.43 18.05 -13.92
C GLU A 359 3.01 18.55 -13.69
N VAL A 360 2.84 19.49 -12.75
CA VAL A 360 1.55 20.12 -12.52
C VAL A 360 1.05 20.79 -13.80
N MET A 361 1.94 21.44 -14.57
CA MET A 361 1.50 22.12 -15.78
C MET A 361 1.17 21.17 -16.93
N ASP A 362 1.71 19.94 -16.91
CA ASP A 362 1.33 18.93 -17.89
C ASP A 362 -0.14 18.50 -17.80
N TRP A 363 -0.87 18.91 -16.76
CA TRP A 363 -2.28 18.58 -16.68
C TRP A 363 -3.16 19.66 -17.33
#